data_7UMA
#
_entry.id   7UMA
#
_cell.length_a   59.381
_cell.length_b   59.381
_cell.length_c   105.125
_cell.angle_alpha   90.000
_cell.angle_beta   90.000
_cell.angle_gamma   90.000
#
_symmetry.space_group_name_H-M   'P 41 21 2'
#
loop_
_entity.id
_entity.type
_entity.pdbx_description
1 polymer Tlde1a
2 polymer HIS-HIS-HIS-HIS
3 non-polymer 'SULFATE ION'
4 water water
#
loop_
_entity_poly.entity_id
_entity_poly.type
_entity_poly.pdbx_seq_one_letter_code
_entity_poly.pdbx_strand_id
1 'polypeptide(L)'
;MMAVRLTFDGQKLTWPGIGIFKATTGLPDLQWPDKQCVPDAAIPEGNYKLFIQFQGEAPIRNAADCDLGPSWGWSTIPRG
QAAGTCEIYWANWGYNRIRLESADEKTRKACGGKRGGFYIHDSTKGYSHG(CME)IEVEPVFFRILKQETEKENGEKTFT
VNVKYVSGQQTNGGTKQG
;
A
2 'polypeptide(L)' EHHHHHH C
#
loop_
_chem_comp.id
_chem_comp.type
_chem_comp.name
_chem_comp.formula
SO4 non-polymer 'SULFATE ION' 'O4 S -2'
#
# COMPACT_ATOMS: atom_id res chain seq x y z
N ALA A 3 19.13 3.97 -5.34
CA ALA A 3 17.84 3.29 -5.42
C ALA A 3 17.56 2.55 -4.11
N VAL A 4 16.29 2.50 -3.72
CA VAL A 4 15.85 1.76 -2.55
C VAL A 4 14.96 0.63 -3.02
N ARG A 5 15.34 -0.60 -2.67
CA ARG A 5 14.53 -1.80 -2.93
C ARG A 5 13.97 -2.26 -1.58
N LEU A 6 12.76 -1.85 -1.29
CA LEU A 6 12.07 -2.35 -0.12
C LEU A 6 11.71 -3.81 -0.32
N THR A 7 11.60 -4.55 0.78
CA THR A 7 11.10 -5.91 0.73
C THR A 7 9.88 -6.05 1.62
N PHE A 8 8.94 -6.88 1.20
CA PHE A 8 7.75 -7.13 1.99
C PHE A 8 7.52 -8.63 2.02
N ASP A 9 7.50 -9.22 3.21
CA ASP A 9 7.36 -10.66 3.38
C ASP A 9 5.99 -11.08 3.91
N GLY A 10 5.02 -10.17 3.95
CA GLY A 10 3.69 -10.43 4.49
C GLY A 10 3.43 -9.78 5.83
N GLN A 11 4.49 -9.57 6.62
CA GLN A 11 4.37 -9.01 7.96
CA GLN A 11 4.37 -9.00 7.95
C GLN A 11 5.30 -7.82 8.18
N LYS A 12 6.39 -7.72 7.44
CA LYS A 12 7.44 -6.72 7.64
C LYS A 12 7.80 -6.11 6.29
N LEU A 13 7.76 -4.78 6.23
CA LEU A 13 8.28 -3.99 5.13
C LEU A 13 9.66 -3.47 5.53
N THR A 14 10.69 -3.93 4.85
CA THR A 14 12.06 -3.55 5.18
C THR A 14 12.58 -2.50 4.19
N TRP A 15 13.13 -1.43 4.74
CA TRP A 15 13.90 -0.43 4.02
C TRP A 15 15.37 -0.73 4.28
N PRO A 16 16.09 -1.34 3.35
CA PRO A 16 17.43 -1.84 3.71
C PRO A 16 18.33 -0.74 4.23
N GLY A 17 19.00 -1.02 5.34
CA GLY A 17 19.87 -0.07 5.98
C GLY A 17 19.18 0.98 6.83
N ILE A 18 17.85 0.99 6.87
CA ILE A 18 17.11 1.98 7.64
C ILE A 18 16.26 1.34 8.72
N GLY A 19 15.33 0.47 8.36
CA GLY A 19 14.48 -0.09 9.40
C GLY A 19 13.45 -1.05 8.87
N ILE A 20 12.72 -1.64 9.82
CA ILE A 20 11.67 -2.60 9.53
C ILE A 20 10.36 -2.02 10.04
N PHE A 21 9.32 -2.09 9.21
CA PHE A 21 8.02 -1.49 9.47
C PHE A 21 6.96 -2.58 9.47
N LYS A 22 6.06 -2.53 10.46
CA LYS A 22 4.94 -3.47 10.45
C LYS A 22 4.08 -3.21 9.23
N ALA A 23 3.60 -4.28 8.60
CA ALA A 23 2.82 -4.13 7.38
C ALA A 23 1.91 -5.35 7.21
N THR A 24 0.80 -5.13 6.51
CA THR A 24 -0.29 -6.10 6.37
C THR A 24 -0.84 -6.04 4.96
N THR A 25 -1.28 -7.18 4.43
CA THR A 25 -1.94 -7.17 3.13
C THR A 25 -3.12 -8.11 3.11
N GLY A 26 -4.22 -7.64 2.52
CA GLY A 26 -5.40 -8.45 2.31
C GLY A 26 -6.51 -8.18 3.32
N LEU A 27 -7.73 -8.51 2.90
CA LEU A 27 -8.88 -8.46 3.80
C LEU A 27 -8.78 -9.57 4.83
N PRO A 28 -9.54 -9.48 5.92
CA PRO A 28 -9.24 -10.32 7.10
C PRO A 28 -9.11 -11.82 6.85
N ASP A 29 -9.93 -12.41 5.99
CA ASP A 29 -9.85 -13.86 5.74
C ASP A 29 -8.94 -14.23 4.56
N LEU A 30 -8.30 -13.24 3.95
CA LEU A 30 -7.54 -13.40 2.72
C LEU A 30 -6.08 -13.01 2.91
N GLN A 31 -5.61 -12.96 4.15
CA GLN A 31 -4.23 -12.59 4.46
C GLN A 31 -3.34 -13.83 4.45
N TRP A 32 -3.28 -14.46 3.27
CA TRP A 32 -2.56 -15.71 3.12
C TRP A 32 -1.88 -15.71 1.77
N PRO A 33 -0.64 -16.19 1.70
CA PRO A 33 0.01 -16.27 0.36
C PRO A 33 -0.79 -17.11 -0.61
N ASP A 34 -1.50 -18.15 -0.16
CA ASP A 34 -2.20 -18.98 -1.11
C ASP A 34 -3.51 -18.37 -1.60
N LYS A 35 -3.89 -17.19 -1.10
CA LYS A 35 -5.07 -16.48 -1.56
C LYS A 35 -4.73 -15.29 -2.45
N GLN A 36 -3.47 -15.17 -2.90
CA GLN A 36 -3.05 -13.93 -3.52
C GLN A 36 -3.66 -13.68 -4.90
N CYS A 37 -4.41 -14.61 -5.46
CA CYS A 37 -5.10 -14.34 -6.72
C CYS A 37 -6.60 -14.10 -6.53
N VAL A 38 -7.05 -14.05 -5.28
CA VAL A 38 -8.43 -13.72 -4.95
C VAL A 38 -8.56 -12.20 -4.87
N PRO A 39 -9.66 -11.62 -5.38
CA PRO A 39 -9.82 -10.18 -5.26
C PRO A 39 -9.71 -9.74 -3.81
N ASP A 40 -8.99 -8.63 -3.59
CA ASP A 40 -8.84 -7.97 -2.29
C ASP A 40 -7.99 -8.77 -1.32
N ALA A 41 -7.32 -9.83 -1.79
CA ALA A 41 -6.45 -10.64 -0.97
C ALA A 41 -5.04 -10.05 -0.89
N ALA A 42 -4.17 -10.75 -0.18
CA ALA A 42 -2.75 -10.44 -0.17
C ALA A 42 -2.23 -10.13 -1.56
N ILE A 43 -1.41 -9.08 -1.64
CA ILE A 43 -0.90 -8.61 -2.94
C ILE A 43 -0.07 -9.70 -3.62
N PRO A 44 -0.15 -9.87 -4.94
CA PRO A 44 0.63 -10.93 -5.58
C PRO A 44 2.13 -10.67 -5.46
N GLU A 45 2.87 -11.78 -5.32
CA GLU A 45 4.31 -11.69 -5.21
C GLU A 45 4.91 -11.15 -6.49
N GLY A 46 6.03 -10.46 -6.33
CA GLY A 46 6.70 -9.88 -7.48
C GLY A 46 7.28 -8.53 -7.15
N ASN A 47 7.55 -7.78 -8.21
CA ASN A 47 8.23 -6.50 -8.13
C ASN A 47 7.29 -5.38 -8.51
N TYR A 48 7.33 -4.31 -7.72
CA TYR A 48 6.48 -3.15 -7.92
C TYR A 48 7.31 -1.88 -7.76
N LYS A 49 7.03 -0.89 -8.62
CA LYS A 49 7.56 0.46 -8.47
C LYS A 49 6.65 1.25 -7.53
N LEU A 50 7.27 1.98 -6.61
CA LEU A 50 6.59 2.99 -5.80
C LEU A 50 6.67 4.35 -6.45
N PHE A 51 5.56 5.07 -6.47
CA PHE A 51 5.51 6.44 -6.94
C PHE A 51 5.53 7.35 -5.73
N ILE A 52 6.71 7.85 -5.34
CA ILE A 52 6.82 8.58 -4.08
C ILE A 52 6.72 10.09 -4.25
N GLN A 53 6.61 10.59 -5.49
CA GLN A 53 6.50 12.02 -5.69
C GLN A 53 5.23 12.52 -5.00
N PHE A 54 5.38 13.53 -4.15
CA PHE A 54 4.28 13.93 -3.29
C PHE A 54 3.38 14.88 -4.09
N GLN A 55 2.13 14.48 -4.28
CA GLN A 55 1.19 15.17 -5.16
C GLN A 55 -0.01 15.72 -4.41
N GLY A 56 0.06 15.80 -3.08
CA GLY A 56 -1.02 16.42 -2.33
C GLY A 56 -2.27 15.58 -2.28
N GLU A 57 -3.42 16.24 -2.29
CA GLU A 57 -4.67 15.55 -2.00
C GLU A 57 -5.04 14.61 -3.13
N ALA A 58 -5.49 13.41 -2.77
CA ALA A 58 -5.94 12.46 -3.78
C ALA A 58 -7.19 12.98 -4.48
N PRO A 59 -7.36 12.67 -5.77
CA PRO A 59 -8.56 13.13 -6.49
C PRO A 59 -9.79 12.34 -6.07
N ILE A 60 -10.93 13.04 -5.99
CA ILE A 60 -12.20 12.42 -5.64
C ILE A 60 -12.96 12.16 -6.93
N ARG A 61 -13.14 10.87 -7.26
CA ARG A 61 -13.81 10.51 -8.51
C ARG A 61 -15.33 10.59 -8.38
N ASN A 62 -15.87 10.24 -7.22
CA ASN A 62 -17.31 10.31 -7.00
C ASN A 62 -17.54 10.53 -5.51
N ALA A 63 -17.95 11.74 -5.15
CA ALA A 63 -18.11 12.08 -3.74
C ALA A 63 -19.23 11.27 -3.08
N ALA A 64 -20.34 11.06 -3.79
CA ALA A 64 -21.46 10.35 -3.18
C ALA A 64 -21.09 8.91 -2.84
N ASP A 65 -20.34 8.25 -3.72
CA ASP A 65 -19.96 6.86 -3.51
C ASP A 65 -18.61 6.73 -2.81
N CYS A 66 -17.99 7.84 -2.43
CA CYS A 66 -16.71 7.86 -1.74
C CYS A 66 -15.57 7.29 -2.59
N ASP A 67 -15.68 7.39 -3.91
CA ASP A 67 -14.67 6.84 -4.81
C ASP A 67 -13.53 7.83 -5.01
N LEU A 68 -12.32 7.43 -4.63
CA LEU A 68 -11.12 8.19 -4.98
C LEU A 68 -10.65 7.75 -6.37
N GLY A 69 -10.14 8.70 -7.13
CA GLY A 69 -9.61 8.38 -8.44
C GLY A 69 -8.21 7.83 -8.31
N PRO A 70 -7.75 7.08 -9.30
CA PRO A 70 -6.36 6.59 -9.26
C PRO A 70 -5.39 7.73 -9.45
N SER A 71 -4.20 7.58 -8.85
CA SER A 71 -3.17 8.59 -9.10
C SER A 71 -1.82 7.95 -8.86
N TRP A 72 -0.83 8.38 -9.63
CA TRP A 72 0.50 7.76 -9.68
C TRP A 72 1.50 8.64 -8.95
N GLY A 73 1.42 8.59 -7.63
CA GLY A 73 2.27 9.35 -6.76
C GLY A 73 1.90 9.04 -5.33
N TRP A 74 2.43 9.87 -4.45
CA TRP A 74 2.09 9.88 -3.03
C TRP A 74 1.03 10.94 -2.81
N SER A 75 -0.16 10.52 -2.40
CA SER A 75 -1.25 11.46 -2.19
C SER A 75 -1.83 11.29 -0.78
N THR A 76 -2.60 12.30 -0.37
CA THR A 76 -3.25 12.26 0.92
C THR A 76 -4.73 11.99 0.76
N ILE A 77 -5.33 11.47 1.81
CA ILE A 77 -6.74 11.09 1.84
C ILE A 77 -7.51 12.23 2.46
N PRO A 78 -8.59 12.73 1.83
CA PRO A 78 -9.30 13.91 2.37
C PRO A 78 -10.25 13.57 3.52
N ARG A 79 -9.67 13.11 4.62
CA ARG A 79 -10.47 12.66 5.77
C ARG A 79 -11.24 13.80 6.41
N GLY A 80 -10.72 15.02 6.38
CA GLY A 80 -11.38 16.12 7.08
C GLY A 80 -12.76 16.46 6.55
N GLN A 81 -13.03 16.15 5.29
CA GLN A 81 -14.33 16.44 4.70
C GLN A 81 -15.22 15.21 4.62
N ALA A 82 -14.76 14.05 5.08
CA ALA A 82 -15.56 12.84 5.01
C ALA A 82 -16.86 13.02 5.78
N ALA A 83 -17.98 12.61 5.19
CA ALA A 83 -19.27 12.67 5.82
C ALA A 83 -20.01 11.36 5.55
N GLY A 84 -20.82 10.97 6.53
CA GLY A 84 -21.63 9.77 6.36
C GLY A 84 -20.81 8.53 6.08
N THR A 85 -21.19 7.81 5.03
CA THR A 85 -20.52 6.56 4.72
C THR A 85 -19.04 6.75 4.42
N CYS A 86 -18.64 7.93 3.92
CA CYS A 86 -17.23 8.08 3.55
C CYS A 86 -16.32 8.15 4.79
N GLU A 87 -16.87 8.54 5.94
CA GLU A 87 -16.12 8.41 7.19
C GLU A 87 -15.71 6.96 7.43
N ILE A 88 -16.55 6.02 7.01
CA ILE A 88 -16.21 4.60 7.14
C ILE A 88 -15.21 4.21 6.05
N TYR A 89 -15.56 4.46 4.80
CA TYR A 89 -14.75 3.93 3.72
C TYR A 89 -13.35 4.52 3.70
N TRP A 90 -13.21 5.84 3.95
CA TRP A 90 -11.89 6.42 3.84
C TRP A 90 -11.02 6.11 5.06
N ALA A 91 -11.60 5.65 6.17
CA ALA A 91 -10.79 5.14 7.27
C ALA A 91 -10.01 3.90 6.85
N ASN A 92 -10.43 3.22 5.79
CA ASN A 92 -9.66 2.09 5.29
C ASN A 92 -8.51 2.51 4.39
N TRP A 93 -8.50 3.74 3.88
CA TRP A 93 -7.32 4.27 3.22
C TRP A 93 -6.29 4.73 4.23
N GLY A 94 -6.73 5.51 5.23
CA GLY A 94 -5.82 6.13 6.17
C GLY A 94 -5.68 7.61 5.87
N TYR A 95 -4.44 8.11 5.92
CA TYR A 95 -4.16 9.49 5.62
C TYR A 95 -3.23 9.68 4.43
N ASN A 96 -2.45 8.65 4.08
CA ASN A 96 -1.47 8.71 3.01
C ASN A 96 -1.54 7.43 2.18
N ARG A 97 -1.31 7.57 0.88
CA ARG A 97 -1.18 6.40 0.00
C ARG A 97 -0.12 6.67 -1.02
N ILE A 98 0.59 5.61 -1.41
CA ILE A 98 1.62 5.64 -2.44
C ILE A 98 1.25 4.61 -3.48
N ARG A 99 1.13 5.02 -4.73
CA ARG A 99 0.79 4.09 -5.79
C ARG A 99 1.92 3.10 -6.05
N LEU A 100 1.54 1.86 -6.30
CA LEU A 100 2.41 0.78 -6.76
C LEU A 100 2.05 0.43 -8.21
N GLU A 101 3.05 0.05 -9.01
CA GLU A 101 2.79 -0.50 -10.32
C GLU A 101 3.67 -1.71 -10.52
N SER A 102 3.10 -2.78 -11.06
CA SER A 102 3.91 -3.93 -11.41
C SER A 102 5.09 -3.51 -12.28
N ALA A 103 6.26 -4.04 -11.94
CA ALA A 103 7.51 -3.58 -12.56
C ALA A 103 8.22 -4.64 -13.39
N ASP A 104 7.57 -5.77 -13.62
CA ASP A 104 8.02 -6.72 -14.63
C ASP A 104 6.83 -7.54 -15.10
N GLU A 105 7.02 -8.20 -16.24
CA GLU A 105 5.91 -8.91 -16.89
C GLU A 105 5.37 -10.04 -16.02
N LYS A 106 6.26 -10.77 -15.33
CA LYS A 106 5.82 -11.86 -14.49
C LYS A 106 4.87 -11.40 -13.40
N THR A 107 5.22 -10.30 -12.72
CA THR A 107 4.34 -9.70 -11.73
C THR A 107 3.02 -9.24 -12.37
N ARG A 108 3.09 -8.62 -13.54
CA ARG A 108 1.89 -8.10 -14.18
C ARG A 108 0.96 -9.21 -14.62
N LYS A 109 1.51 -10.32 -15.07
CA LYS A 109 0.73 -11.45 -15.53
C LYS A 109 0.28 -12.37 -14.39
N ALA A 110 0.74 -12.13 -13.17
CA ALA A 110 0.25 -12.93 -12.05
C ALA A 110 -1.27 -12.91 -12.03
N CYS A 111 -1.86 -14.03 -11.68
CA CYS A 111 -3.30 -14.09 -11.46
C CYS A 111 -4.08 -13.72 -12.72
N GLY A 112 -3.62 -14.18 -13.87
CA GLY A 112 -4.26 -13.83 -15.12
C GLY A 112 -4.32 -12.33 -15.39
N GLY A 113 -3.48 -11.55 -14.72
CA GLY A 113 -3.51 -10.10 -14.85
C GLY A 113 -4.74 -9.42 -14.29
N LYS A 114 -5.54 -10.13 -13.49
CA LYS A 114 -6.82 -9.62 -13.07
C LYS A 114 -6.76 -8.76 -11.81
N ARG A 115 -5.58 -8.60 -11.23
CA ARG A 115 -5.42 -7.79 -10.03
C ARG A 115 -4.61 -6.56 -10.32
N GLY A 116 -4.86 -5.52 -9.53
CA GLY A 116 -4.25 -4.23 -9.81
C GLY A 116 -4.74 -3.19 -8.82
N GLY A 117 -4.41 -1.93 -9.12
CA GLY A 117 -4.81 -0.85 -8.25
C GLY A 117 -4.14 -0.89 -6.89
N PHE A 118 -2.86 -1.22 -6.87
CA PHE A 118 -2.16 -1.45 -5.61
C PHE A 118 -1.55 -0.16 -5.06
N TYR A 119 -1.60 -0.01 -3.73
CA TYR A 119 -1.01 1.10 -3.02
C TYR A 119 -0.37 0.61 -1.73
N ILE A 120 0.55 1.41 -1.20
CA ILE A 120 0.97 1.37 0.20
C ILE A 120 0.23 2.49 0.90
N HIS A 121 -0.41 2.20 2.03
CA HIS A 121 -1.21 3.22 2.72
C HIS A 121 -1.12 3.02 4.22
N ASP A 122 -1.54 4.04 5.00
CA ASP A 122 -1.23 4.06 6.43
C ASP A 122 -2.47 4.06 7.32
N SER A 123 -3.54 3.42 6.87
CA SER A 123 -4.61 3.08 7.79
C SER A 123 -4.07 2.19 8.91
N THR A 124 -4.85 2.09 9.99
CA THR A 124 -4.44 1.30 11.15
C THR A 124 -5.51 0.26 11.48
N LYS A 125 -5.98 -0.44 10.44
CA LYS A 125 -7.08 -1.39 10.57
C LYS A 125 -6.65 -2.83 10.83
N GLY A 126 -5.44 -3.21 10.43
CA GLY A 126 -5.04 -4.60 10.49
C GLY A 126 -5.54 -5.40 9.29
N TYR A 127 -5.90 -4.71 8.22
CA TYR A 127 -6.28 -5.34 6.96
C TYR A 127 -6.08 -4.31 5.87
N SER A 128 -6.12 -4.77 4.60
CA SER A 128 -6.02 -3.88 3.47
C SER A 128 -6.78 -4.47 2.30
N HIS A 129 -7.54 -3.64 1.62
CA HIS A 129 -8.34 -4.06 0.46
C HIS A 129 -7.43 -4.31 -0.73
N GLY A 130 -6.69 -5.42 -0.70
CA GLY A 130 -5.79 -5.74 -1.80
C GLY A 130 -4.60 -4.82 -1.96
N CME A 131 -4.17 -4.20 -0.86
CA CME A 131 -3.04 -3.28 -0.88
CB CME A 131 -3.50 -1.84 -0.82
SG CME A 131 -4.40 -1.35 -2.26
SD CME A 131 -5.28 0.47 -1.57
CE CME A 131 -6.55 -0.10 -0.49
CZ CME A 131 -7.19 1.03 0.31
OH CME A 131 -8.28 0.52 1.04
C CME A 131 -2.14 -3.62 0.29
O CME A 131 -2.22 -4.71 0.94
HA CME A 131 -2.40 -3.45 -1.81
HB2 CME A 131 -2.60 -1.19 -0.71
HB3 CME A 131 -4.14 -1.71 0.08
HE2 CME A 131 -6.07 -0.87 0.17
HE3 CME A 131 -7.29 -0.63 -1.15
HZ2 CME A 131 -7.55 1.83 -0.39
HZ3 CME A 131 -6.44 1.47 1.02
HH CME A 131 -8.00 -0.30 1.46
N ILE A 132 -1.18 -2.75 0.56
CA ILE A 132 -0.27 -2.94 1.70
C ILE A 132 -0.48 -1.82 2.72
N GLU A 133 -1.02 -2.18 3.89
CA GLU A 133 -1.16 -1.26 5.01
C GLU A 133 0.15 -1.28 5.79
N VAL A 134 0.78 -0.10 5.96
CA VAL A 134 2.06 0.00 6.65
C VAL A 134 1.94 0.89 7.89
N GLU A 135 2.75 0.57 8.90
CA GLU A 135 2.90 1.41 10.07
C GLU A 135 3.05 2.87 9.66
N PRO A 136 2.30 3.79 10.27
CA PRO A 136 2.34 5.19 9.80
C PRO A 136 3.72 5.82 9.83
N VAL A 137 4.58 5.43 10.78
CA VAL A 137 5.92 6.02 10.83
C VAL A 137 6.71 5.81 9.53
N PHE A 138 6.35 4.83 8.71
CA PHE A 138 7.04 4.67 7.44
C PHE A 138 7.01 5.95 6.61
N PHE A 139 5.86 6.65 6.59
CA PHE A 139 5.74 7.84 5.77
C PHE A 139 6.54 8.99 6.35
N ARG A 140 6.74 9.01 7.66
CA ARG A 140 7.57 10.06 8.26
C ARG A 140 9.05 9.80 7.99
N ILE A 141 9.47 8.52 8.02
CA ILE A 141 10.84 8.20 7.64
C ILE A 141 11.04 8.53 6.16
N LEU A 142 10.05 8.19 5.32
CA LEU A 142 10.17 8.46 3.88
C LEU A 142 10.38 9.94 3.61
N LYS A 143 9.58 10.80 4.24
CA LYS A 143 9.73 12.24 4.07
C LYS A 143 11.12 12.70 4.53
N GLN A 144 11.54 12.26 5.72
CA GLN A 144 12.84 12.69 6.24
C GLN A 144 13.99 12.22 5.36
N GLU A 145 13.90 11.01 4.84
CA GLU A 145 15.01 10.48 4.06
C GLU A 145 15.05 11.03 2.64
N THR A 146 13.94 11.58 2.14
CA THR A 146 13.93 12.03 0.75
C THR A 146 13.94 13.54 0.59
N GLU A 147 13.48 14.29 1.59
CA GLU A 147 13.31 15.72 1.41
CA GLU A 147 13.31 15.73 1.40
C GLU A 147 14.63 16.48 1.38
N LYS A 148 15.72 15.88 1.85
CA LYS A 148 17.02 16.52 1.79
C LYS A 148 17.83 16.03 0.60
N GLU A 149 17.32 15.07 -0.16
CA GLU A 149 18.02 14.53 -1.32
C GLU A 149 17.61 15.29 -2.58
N ASN A 150 18.59 15.64 -3.41
CA ASN A 150 18.36 16.48 -4.56
C ASN A 150 18.19 15.70 -5.85
N GLY A 151 18.73 14.50 -5.94
CA GLY A 151 18.83 13.78 -7.18
C GLY A 151 17.68 12.83 -7.43
N GLU A 152 17.99 11.75 -8.14
CA GLU A 152 16.99 10.75 -8.47
C GLU A 152 16.60 9.99 -7.21
N LYS A 153 15.32 9.69 -7.09
CA LYS A 153 14.77 8.96 -5.95
C LYS A 153 13.95 7.82 -6.52
N THR A 154 14.53 6.60 -6.49
CA THR A 154 13.94 5.43 -7.15
C THR A 154 13.63 4.38 -6.08
N PHE A 155 12.35 4.09 -5.88
CA PHE A 155 11.88 3.13 -4.90
C PHE A 155 11.11 1.99 -5.57
N THR A 156 11.43 0.77 -5.18
CA THR A 156 10.65 -0.40 -5.58
C THR A 156 10.36 -1.22 -4.33
N VAL A 157 9.47 -2.19 -4.46
CA VAL A 157 9.24 -3.14 -3.39
C VAL A 157 9.17 -4.53 -4.03
N ASN A 158 9.90 -5.46 -3.47
CA ASN A 158 9.76 -6.87 -3.81
C ASN A 158 8.87 -7.54 -2.76
N VAL A 159 7.80 -8.19 -3.22
CA VAL A 159 6.87 -8.94 -2.39
C VAL A 159 7.22 -10.42 -2.53
N LYS A 160 7.58 -11.06 -1.43
CA LYS A 160 7.95 -12.48 -1.45
C LYS A 160 7.54 -13.07 -0.12
N TYR A 161 6.58 -13.99 -0.16
CA TYR A 161 6.11 -14.72 1.02
C TYR A 161 6.92 -16.02 1.14
N VAL A 162 7.73 -16.14 2.19
CA VAL A 162 8.62 -17.29 2.33
C VAL A 162 8.05 -18.36 3.26
N SER A 163 6.86 -18.14 3.81
CA SER A 163 6.14 -19.12 4.58
C SER A 163 4.66 -18.88 4.38
N GLY A 164 3.88 -19.84 4.83
CA GLY A 164 2.43 -19.77 4.92
C GLY A 164 1.85 -18.92 6.03
N GLN A 165 2.69 -18.18 6.76
CA GLN A 165 2.19 -17.35 7.85
C GLN A 165 1.19 -16.30 7.35
N GLN A 166 0.30 -15.92 8.24
CA GLN A 166 -0.69 -14.89 7.88
C GLN A 166 0.03 -13.60 7.54
N THR A 167 -0.46 -12.93 6.49
CA THR A 167 0.16 -11.71 5.99
C THR A 167 -0.37 -10.49 6.74
N ASN A 168 -0.15 -10.52 8.05
CA ASN A 168 -0.61 -9.47 8.97
C ASN A 168 0.53 -9.19 9.93
N GLY A 169 1.07 -7.97 9.90
CA GLY A 169 2.19 -7.58 10.72
C GLY A 169 1.83 -6.85 11.99
N GLY A 170 0.54 -6.87 12.37
CA GLY A 170 0.16 -6.22 13.60
C GLY A 170 -0.09 -4.75 13.46
N THR A 171 -0.62 -4.31 12.30
CA THR A 171 -0.86 -2.90 12.08
C THR A 171 -2.17 -2.37 12.69
N LYS A 172 -3.05 -3.24 13.16
CA LYS A 172 -4.25 -2.76 13.84
C LYS A 172 -3.84 -1.91 15.02
N GLN A 173 -4.50 -0.76 15.16
CA GLN A 173 -4.19 0.20 16.20
C GLN A 173 -4.25 -0.46 17.56
N GLY A 174 -3.21 -0.23 18.35
CA GLY A 174 -3.18 -0.75 19.72
C GLY A 174 -4.08 0.03 20.66
N HIS B 2 -9.88 -0.74 -10.57
CA HIS B 2 -9.85 -1.43 -9.29
C HIS B 2 -10.22 -0.46 -8.18
N HIS B 3 -11.36 -0.72 -7.55
CA HIS B 3 -11.82 0.06 -6.41
C HIS B 3 -11.42 -0.64 -5.11
N HIS B 4 -11.66 0.06 -4.00
CA HIS B 4 -11.12 -0.40 -2.72
C HIS B 4 -12.12 -0.21 -1.58
N HIS B 5 -13.41 -0.21 -1.88
CA HIS B 5 -14.41 -0.02 -0.84
C HIS B 5 -14.53 -1.26 0.01
S SO4 C . -6.54 1.24 -11.71
O1 SO4 C . -6.29 2.54 -12.33
O2 SO4 C . -7.87 0.75 -12.09
O3 SO4 C . -5.53 0.29 -12.15
O4 SO4 C . -6.50 1.41 -10.27
S SO4 D . 16.96 8.70 -1.64
O1 SO4 D . 16.14 9.89 -1.52
O2 SO4 D . 16.32 7.79 -2.59
O3 SO4 D . 18.30 9.02 -2.15
O4 SO4 D . 17.05 8.07 -0.31
S SO4 E . 15.13 -11.12 -1.27
O1 SO4 E . 14.08 -11.12 -2.28
O2 SO4 E . 15.53 -9.74 -0.96
O3 SO4 E . 16.29 -11.85 -1.75
O4 SO4 E . 14.62 -11.76 -0.05
S SO4 F . -8.10 -6.55 -6.68
O1 SO4 F . -8.82 -5.31 -7.04
O2 SO4 F . -8.92 -7.70 -6.92
O3 SO4 F . -6.90 -6.65 -7.51
O4 SO4 F . -7.71 -6.45 -5.27
S SO4 G . -11.70 3.78 -4.15
O1 SO4 G . -12.68 4.24 -5.14
O2 SO4 G . -11.25 4.92 -3.34
O3 SO4 G . -10.57 3.17 -4.86
O4 SO4 G . -12.33 2.81 -3.25
#